data_1Y5H
#
_entry.id   1Y5H
#
_cell.length_a   77.452
_cell.length_b   41.064
_cell.length_c   78.395
_cell.angle_alpha   90.00
_cell.angle_beta   108.41
_cell.angle_gamma   90.00
#
_symmetry.space_group_name_H-M   'C 1 2 1'
#
loop_
_entity.id
_entity.type
_entity.pdbx_description
1 polymer 'hypothetical protein RV2626C'
2 water water
#
_entity_poly.entity_id   1
_entity_poly.type   'polypeptide(L)'
_entity_poly.pdbx_seq_one_letter_code
;GIDPFT(MSE)TTARDI(MSE)NAGVTCVGEHETLTAAAQY(MSE)REHDIGALPICGDDDRLHG(MSE)LTDRDIVIKG
LAAGLDPNTATAGELARDSIYYVDANASIQE(MSE)LNV(MSE)EEHQVRRVPVISEHRLVGIVTEADIARHLPEHA
;
_entity_poly.pdbx_strand_id   A,B
#
# COMPACT_ATOMS: atom_id res chain seq x y z
N THR A 8 -30.61 2.37 -6.02
CA THR A 8 -29.39 1.56 -6.30
C THR A 8 -28.87 0.88 -5.03
N THR A 9 -28.53 -0.39 -5.13
CA THR A 9 -28.02 -1.13 -3.99
C THR A 9 -26.61 -1.64 -4.27
N ALA A 10 -25.95 -2.14 -3.24
CA ALA A 10 -24.60 -2.66 -3.39
C ALA A 10 -24.59 -3.79 -4.41
N ARG A 11 -25.60 -4.64 -4.38
CA ARG A 11 -25.70 -5.76 -5.31
C ARG A 11 -25.72 -5.29 -6.77
N ASP A 12 -26.30 -4.11 -6.98
CA ASP A 12 -26.41 -3.52 -8.31
C ASP A 12 -25.10 -3.04 -8.93
N ILE A 13 -24.16 -2.60 -8.09
CA ILE A 13 -22.90 -2.08 -8.61
C ILE A 13 -21.64 -2.87 -8.21
N ASN A 15 -18.81 -5.97 -7.80
CA ASN A 15 -18.09 -6.87 -8.69
C ASN A 15 -18.42 -8.22 -8.07
N ALA A 16 -19.34 -8.94 -8.70
CA ALA A 16 -19.77 -10.22 -8.18
C ALA A 16 -18.87 -11.38 -8.62
N GLY A 17 -18.90 -12.44 -7.85
CA GLY A 17 -18.12 -13.63 -8.18
C GLY A 17 -16.63 -13.58 -7.87
N VAL A 18 -16.22 -12.65 -7.03
CA VAL A 18 -14.80 -12.54 -6.67
C VAL A 18 -14.49 -13.65 -5.67
N THR A 19 -13.29 -14.19 -5.74
CA THR A 19 -12.88 -15.28 -4.85
C THR A 19 -12.41 -14.75 -3.50
N CYS A 20 -12.86 -15.39 -2.43
CA CYS A 20 -12.44 -15.00 -1.10
C CYS A 20 -11.23 -15.86 -0.75
N VAL A 21 -10.16 -15.21 -0.30
CA VAL A 21 -8.95 -15.92 0.06
C VAL A 21 -9.15 -16.61 1.41
N GLY A 22 -8.68 -17.85 1.53
CA GLY A 22 -8.84 -18.58 2.77
C GLY A 22 -8.07 -17.97 3.93
N GLU A 23 -8.68 -18.00 5.11
CA GLU A 23 -8.07 -17.45 6.30
C GLU A 23 -6.77 -18.15 6.69
N HIS A 24 -6.61 -19.41 6.28
CA HIS A 24 -5.40 -20.16 6.61
C HIS A 24 -4.28 -20.03 5.59
N GLU A 25 -4.53 -19.29 4.51
CA GLU A 25 -3.50 -19.11 3.49
C GLU A 25 -2.42 -18.20 4.09
N THR A 26 -1.17 -18.42 3.70
CA THR A 26 -0.05 -17.62 4.22
C THR A 26 -0.03 -16.20 3.64
N LEU A 27 0.74 -15.32 4.27
CA LEU A 27 0.82 -13.95 3.77
C LEU A 27 1.52 -13.94 2.42
N THR A 28 2.47 -14.86 2.23
CA THR A 28 3.17 -14.94 0.96
C THR A 28 2.17 -15.30 -0.13
N ALA A 29 1.27 -16.23 0.18
CA ALA A 29 0.26 -16.64 -0.80
C ALA A 29 -0.66 -15.46 -1.11
N ALA A 30 -1.04 -14.71 -0.08
CA ALA A 30 -1.91 -13.56 -0.27
C ALA A 30 -1.24 -12.51 -1.15
N ALA A 31 0.07 -12.35 -1.00
CA ALA A 31 0.82 -11.38 -1.79
C ALA A 31 0.74 -11.77 -3.26
N GLN A 32 0.81 -13.06 -3.52
CA GLN A 32 0.73 -13.56 -4.90
C GLN A 32 -0.62 -13.23 -5.53
N TYR A 33 -1.70 -13.32 -4.75
CA TYR A 33 -3.02 -13.01 -5.27
C TYR A 33 -3.16 -11.53 -5.59
N ARG A 35 -0.80 -9.58 -6.60
CA ARG A 35 -0.05 -9.30 -7.82
C ARG A 35 -0.88 -9.79 -8.99
N GLU A 36 -1.45 -10.98 -8.83
CA GLU A 36 -2.29 -11.60 -9.85
C GLU A 36 -3.43 -10.72 -10.31
N HIS A 37 -4.13 -10.11 -9.35
CA HIS A 37 -5.27 -9.24 -9.65
C HIS A 37 -4.94 -7.75 -9.62
N ASP A 38 -3.69 -7.42 -9.32
CA ASP A 38 -3.28 -6.02 -9.26
C ASP A 38 -4.19 -5.22 -8.33
N ILE A 39 -4.37 -5.71 -7.10
CA ILE A 39 -5.20 -5.04 -6.13
C ILE A 39 -4.45 -4.92 -4.80
N GLY A 40 -4.93 -4.05 -3.93
CA GLY A 40 -4.27 -3.86 -2.64
C GLY A 40 -5.03 -4.35 -1.44
N ALA A 41 -6.17 -5.01 -1.67
CA ALA A 41 -6.98 -5.52 -0.57
C ALA A 41 -7.72 -6.78 -1.01
N LEU A 42 -7.74 -7.78 -0.15
CA LEU A 42 -8.40 -9.06 -0.43
C LEU A 42 -9.37 -9.43 0.67
N PRO A 43 -10.55 -9.96 0.31
CA PRO A 43 -11.51 -10.37 1.33
C PRO A 43 -11.01 -11.73 1.83
N ILE A 44 -11.03 -11.93 3.15
CA ILE A 44 -10.56 -13.18 3.74
C ILE A 44 -11.72 -13.93 4.39
N CYS A 45 -11.87 -15.22 4.09
CA CYS A 45 -12.98 -15.99 4.62
C CYS A 45 -12.61 -17.29 5.30
N GLY A 46 -13.55 -17.75 6.13
CA GLY A 46 -13.41 -19.02 6.81
C GLY A 46 -14.17 -19.98 5.91
N ASP A 47 -14.82 -20.97 6.49
CA ASP A 47 -15.57 -21.94 5.69
C ASP A 47 -16.87 -21.34 5.13
N ASP A 48 -17.31 -21.87 3.99
CA ASP A 48 -18.54 -21.41 3.38
C ASP A 48 -18.60 -19.92 3.05
N ASP A 49 -17.52 -19.39 2.50
CA ASP A 49 -17.45 -17.99 2.12
C ASP A 49 -17.85 -17.02 3.25
N ARG A 50 -17.60 -17.44 4.49
CA ARG A 50 -17.92 -16.60 5.65
C ARG A 50 -16.81 -15.57 5.83
N LEU A 51 -17.16 -14.28 5.69
CA LEU A 51 -16.18 -13.20 5.81
C LEU A 51 -15.55 -13.01 7.18
N HIS A 52 -14.21 -13.01 7.22
CA HIS A 52 -13.46 -12.82 8.45
C HIS A 52 -12.84 -11.43 8.53
N GLY A 53 -12.61 -10.84 7.37
CA GLY A 53 -12.04 -9.50 7.34
C GLY A 53 -11.39 -9.19 6.00
N LEU A 55 -7.73 -7.96 4.07
CA LEU A 55 -6.28 -7.92 4.21
C LEU A 55 -5.74 -6.99 3.14
N THR A 56 -4.93 -6.01 3.53
CA THR A 56 -4.36 -5.08 2.56
C THR A 56 -2.87 -5.32 2.39
N ASP A 57 -2.32 -4.80 1.31
CA ASP A 57 -0.90 -4.96 1.07
C ASP A 57 -0.10 -4.30 2.19
N ARG A 58 -0.54 -3.13 2.65
CA ARG A 58 0.17 -2.44 3.72
C ARG A 58 0.09 -3.27 5.01
N ASP A 59 -1.02 -3.97 5.23
CA ASP A 59 -1.18 -4.81 6.41
C ASP A 59 -0.06 -5.84 6.47
N ILE A 60 0.20 -6.47 5.33
CA ILE A 60 1.25 -7.49 5.25
C ILE A 60 2.61 -6.92 5.65
N VAL A 61 2.87 -5.69 5.22
CA VAL A 61 4.14 -5.05 5.53
C VAL A 61 4.21 -4.55 6.97
N ILE A 62 3.18 -3.82 7.40
CA ILE A 62 3.17 -3.23 8.74
C ILE A 62 2.79 -4.15 9.90
N LYS A 63 1.74 -4.94 9.73
CA LYS A 63 1.31 -5.86 10.77
C LYS A 63 1.98 -7.22 10.64
N GLY A 64 2.58 -7.47 9.48
CA GLY A 64 3.25 -8.73 9.26
C GLY A 64 4.76 -8.62 9.39
N LEU A 65 5.41 -8.20 8.31
CA LEU A 65 6.86 -8.09 8.30
C LEU A 65 7.45 -7.21 9.41
N ALA A 66 6.87 -6.04 9.62
CA ALA A 66 7.36 -5.12 10.63
C ALA A 66 7.07 -5.58 12.05
N ALA A 67 6.19 -6.57 12.20
CA ALA A 67 5.84 -7.08 13.52
C ALA A 67 6.57 -8.40 13.81
N GLY A 68 7.59 -8.70 13.02
CA GLY A 68 8.37 -9.91 13.25
C GLY A 68 7.74 -11.22 12.83
N LEU A 69 6.69 -11.17 12.02
CA LEU A 69 6.04 -12.40 11.58
C LEU A 69 6.71 -12.94 10.32
N ASP A 70 6.66 -14.26 10.14
CA ASP A 70 7.24 -14.92 8.97
C ASP A 70 6.11 -14.97 7.94
N PRO A 71 6.28 -14.35 6.76
CA PRO A 71 5.19 -14.38 5.77
C PRO A 71 4.85 -15.77 5.26
N ASN A 72 5.73 -16.74 5.47
CA ASN A 72 5.49 -18.10 5.02
C ASN A 72 4.72 -18.93 6.03
N THR A 73 4.54 -18.41 7.24
CA THR A 73 3.80 -19.12 8.27
C THR A 73 2.62 -18.31 8.84
N ALA A 74 2.77 -16.99 8.90
CA ALA A 74 1.69 -16.12 9.38
C ALA A 74 0.58 -16.24 8.35
N THR A 75 -0.67 -16.21 8.81
CA THR A 75 -1.81 -16.36 7.90
C THR A 75 -2.59 -15.09 7.62
N ALA A 76 -3.31 -15.10 6.51
CA ALA A 76 -4.12 -13.95 6.11
C ALA A 76 -5.15 -13.63 7.19
N GLY A 77 -5.73 -14.69 7.77
CA GLY A 77 -6.72 -14.50 8.81
C GLY A 77 -6.19 -13.81 10.05
N GLU A 78 -4.95 -14.14 10.44
CA GLU A 78 -4.34 -13.55 11.62
C GLU A 78 -4.29 -12.03 11.53
N LEU A 79 -4.10 -11.51 10.32
CA LEU A 79 -4.04 -10.07 10.14
C LEU A 79 -5.40 -9.47 9.74
N ALA A 80 -6.18 -10.23 8.97
CA ALA A 80 -7.47 -9.73 8.50
C ALA A 80 -8.54 -9.60 9.59
N ARG A 81 -8.44 -10.40 10.65
CA ARG A 81 -9.43 -10.33 11.72
C ARG A 81 -9.43 -9.00 12.46
N ASP A 82 -8.48 -8.13 12.16
CA ASP A 82 -8.40 -6.81 12.79
C ASP A 82 -9.26 -5.82 12.00
N SER A 83 -9.62 -6.19 10.77
CA SER A 83 -10.37 -5.30 9.91
C SER A 83 -11.67 -5.87 9.38
N ILE A 84 -12.73 -5.87 10.20
CA ILE A 84 -14.00 -6.39 9.71
C ILE A 84 -15.04 -5.31 9.49
N TYR A 85 -15.30 -5.05 8.22
CA TYR A 85 -16.29 -4.08 7.81
C TYR A 85 -16.91 -4.65 6.55
N TYR A 86 -18.17 -4.29 6.30
CA TYR A 86 -18.88 -4.78 5.13
C TYR A 86 -20.22 -4.10 5.05
N VAL A 87 -20.92 -4.33 3.95
CA VAL A 87 -22.25 -3.80 3.77
C VAL A 87 -23.13 -4.93 3.27
N ASP A 88 -24.42 -4.83 3.56
CA ASP A 88 -25.39 -5.82 3.14
C ASP A 88 -25.65 -5.60 1.65
N ALA A 89 -26.06 -6.65 0.96
CA ALA A 89 -26.32 -6.56 -0.47
C ALA A 89 -27.36 -5.49 -0.82
N ASN A 90 -28.22 -5.17 0.14
CA ASN A 90 -29.27 -4.16 -0.09
C ASN A 90 -28.88 -2.76 0.38
N ALA A 91 -27.62 -2.60 0.79
CA ALA A 91 -27.16 -1.30 1.28
C ALA A 91 -27.18 -0.22 0.20
N SER A 92 -27.47 1.01 0.61
CA SER A 92 -27.53 2.13 -0.32
C SER A 92 -26.13 2.71 -0.53
N ILE A 93 -26.02 3.59 -1.53
CA ILE A 93 -24.75 4.24 -1.83
C ILE A 93 -24.30 5.05 -0.61
N GLN A 94 -25.24 5.71 0.04
CA GLN A 94 -24.90 6.50 1.23
C GLN A 94 -24.26 5.60 2.29
N GLU A 95 -24.84 4.42 2.48
CA GLU A 95 -24.32 3.48 3.47
C GLU A 95 -22.91 3.03 3.09
N LEU A 97 -20.70 4.61 1.36
CA LEU A 97 -19.78 5.71 1.58
C LEU A 97 -19.53 5.88 3.07
N ASN A 98 -20.55 5.62 3.89
CA ASN A 98 -20.38 5.74 5.34
C ASN A 98 -19.30 4.76 5.81
N VAL A 99 -19.37 3.53 5.33
CA VAL A 99 -18.39 2.52 5.71
C VAL A 99 -17.00 2.90 5.23
N GLU A 101 -15.83 5.82 4.57
CA GLU A 101 -15.35 6.98 5.32
C GLU A 101 -14.81 6.59 6.68
N GLU A 102 -15.63 5.87 7.44
CA GLU A 102 -15.25 5.46 8.79
C GLU A 102 -13.96 4.64 8.85
N HIS A 103 -13.83 3.67 7.93
CA HIS A 103 -12.66 2.81 7.91
C HIS A 103 -11.51 3.30 7.01
N GLN A 104 -11.75 4.40 6.30
CA GLN A 104 -10.74 4.96 5.40
C GLN A 104 -10.26 3.98 4.34
N VAL A 105 -11.21 3.36 3.64
CA VAL A 105 -10.87 2.39 2.60
C VAL A 105 -11.56 2.71 1.28
N ARG A 106 -11.03 2.15 0.19
CA ARG A 106 -11.59 2.38 -1.12
C ARG A 106 -12.48 1.27 -1.64
N ARG A 107 -12.54 0.17 -0.91
CA ARG A 107 -13.39 -0.94 -1.32
C ARG A 107 -13.94 -1.65 -0.10
N VAL A 108 -15.14 -2.20 -0.24
CA VAL A 108 -15.83 -2.87 0.85
C VAL A 108 -16.46 -4.17 0.39
N PRO A 109 -16.44 -5.19 1.25
CA PRO A 109 -17.04 -6.49 0.90
C PRO A 109 -18.56 -6.39 1.01
N VAL A 110 -19.27 -7.14 0.18
CA VAL A 110 -20.73 -7.15 0.22
C VAL A 110 -21.14 -8.53 0.71
N ILE A 111 -22.01 -8.55 1.72
CA ILE A 111 -22.46 -9.80 2.33
C ILE A 111 -23.95 -10.05 2.12
N SER A 112 -24.29 -11.33 2.00
CA SER A 112 -25.68 -11.75 1.83
C SER A 112 -25.77 -13.13 2.47
N GLU A 113 -26.56 -13.22 3.53
CA GLU A 113 -26.72 -14.48 4.24
C GLU A 113 -25.39 -14.93 4.85
N HIS A 114 -24.64 -13.96 5.35
CA HIS A 114 -23.34 -14.23 5.99
C HIS A 114 -22.24 -14.62 5.01
N ARG A 115 -22.55 -14.66 3.72
CA ARG A 115 -21.56 -15.04 2.72
C ARG A 115 -21.15 -13.89 1.80
N LEU A 116 -19.87 -13.86 1.44
CA LEU A 116 -19.34 -12.83 0.56
C LEU A 116 -19.94 -13.04 -0.83
N VAL A 117 -20.56 -12.01 -1.38
CA VAL A 117 -21.15 -12.11 -2.71
C VAL A 117 -20.49 -11.19 -3.70
N GLY A 118 -19.66 -10.26 -3.20
CA GLY A 118 -18.97 -9.36 -4.10
C GLY A 118 -18.18 -8.30 -3.36
N ILE A 119 -17.54 -7.43 -4.13
CA ILE A 119 -16.74 -6.33 -3.58
C ILE A 119 -17.15 -5.06 -4.32
N VAL A 120 -17.34 -3.97 -3.58
CA VAL A 120 -17.70 -2.71 -4.21
C VAL A 120 -16.59 -1.70 -3.96
N THR A 121 -16.16 -1.01 -5.02
CA THR A 121 -15.10 -0.01 -4.87
C THR A 121 -15.69 1.38 -4.99
N GLU A 122 -14.92 2.38 -4.55
CA GLU A 122 -15.37 3.76 -4.63
C GLU A 122 -15.56 4.13 -6.09
N ALA A 123 -14.72 3.59 -6.96
CA ALA A 123 -14.81 3.86 -8.39
C ALA A 123 -16.12 3.32 -8.96
N ASP A 124 -16.56 2.18 -8.43
CA ASP A 124 -17.82 1.59 -8.88
C ASP A 124 -18.96 2.56 -8.57
N ILE A 125 -18.91 3.18 -7.40
CA ILE A 125 -19.94 4.14 -7.00
C ILE A 125 -19.95 5.34 -7.93
N ALA A 126 -18.77 5.86 -8.25
CA ALA A 126 -18.65 7.01 -9.14
C ALA A 126 -19.21 6.72 -10.53
N ARG A 127 -18.98 5.50 -11.01
CA ARG A 127 -19.44 5.10 -12.33
C ARG A 127 -20.95 4.94 -12.45
N HIS A 128 -21.60 4.56 -11.35
CA HIS A 128 -23.04 4.33 -11.40
C HIS A 128 -23.93 5.23 -10.54
N LEU A 129 -23.60 6.51 -10.45
CA LEU A 129 -24.41 7.43 -9.66
C LEU A 129 -25.74 7.73 -10.35
N PRO A 130 -25.71 8.10 -11.65
CA PRO A 130 -26.94 8.40 -12.37
C PRO A 130 -27.85 7.18 -12.57
N THR B 8 7.66 29.67 -4.59
CA THR B 8 7.76 28.50 -3.67
C THR B 8 8.65 27.41 -4.29
N THR B 9 9.52 26.84 -3.47
CA THR B 9 10.42 25.78 -3.93
C THR B 9 10.19 24.50 -3.15
N ALA B 10 10.87 23.43 -3.56
CA ALA B 10 10.72 22.15 -2.88
C ALA B 10 11.21 22.28 -1.43
N ARG B 11 12.31 23.02 -1.24
CA ARG B 11 12.88 23.19 0.09
C ARG B 11 11.88 23.87 1.04
N ASP B 12 11.01 24.70 0.47
CA ASP B 12 10.01 25.43 1.25
C ASP B 12 8.87 24.57 1.81
N ILE B 13 8.55 23.48 1.15
CA ILE B 13 7.44 22.64 1.62
C ILE B 13 7.81 21.19 1.95
N ASN B 15 9.73 17.83 3.73
CA ASN B 15 9.96 17.36 5.10
C ASN B 15 11.46 17.14 5.09
N ALA B 16 12.19 18.11 5.64
CA ALA B 16 13.63 18.08 5.66
C ALA B 16 14.21 17.18 6.74
N GLY B 17 15.41 16.68 6.48
CA GLY B 17 16.10 15.86 7.46
C GLY B 17 15.71 14.41 7.58
N VAL B 18 14.94 13.89 6.62
CA VAL B 18 14.54 12.49 6.66
C VAL B 18 15.77 11.64 6.39
N THR B 19 15.85 10.49 7.04
CA THR B 19 17.00 9.62 6.86
C THR B 19 16.83 8.71 5.66
N CYS B 20 17.89 8.62 4.85
CA CYS B 20 17.86 7.76 3.68
C CYS B 20 18.26 6.36 4.15
N VAL B 21 17.43 5.36 3.81
CA VAL B 21 17.66 3.97 4.19
C VAL B 21 18.74 3.35 3.31
N GLY B 22 19.65 2.58 3.92
CA GLY B 22 20.72 1.98 3.16
C GLY B 22 20.28 0.93 2.15
N GLU B 23 20.92 0.94 0.98
CA GLU B 23 20.59 0.01 -0.08
C GLU B 23 20.78 -1.46 0.32
N HIS B 24 21.58 -1.72 1.32
CA HIS B 24 21.81 -3.11 1.75
C HIS B 24 20.90 -3.55 2.90
N GLU B 25 20.02 -2.67 3.36
CA GLU B 25 19.09 -3.05 4.42
C GLU B 25 18.09 -4.03 3.81
N THR B 26 17.63 -4.98 4.62
CA THR B 26 16.68 -5.99 4.13
C THR B 26 15.26 -5.42 4.00
N LEU B 27 14.39 -6.15 3.31
CA LEU B 27 13.03 -5.68 3.14
C LEU B 27 12.32 -5.67 4.49
N THR B 28 12.68 -6.61 5.36
CA THR B 28 12.07 -6.65 6.69
C THR B 28 12.47 -5.39 7.45
N ALA B 29 13.74 -4.99 7.33
CA ALA B 29 14.19 -3.77 8.00
C ALA B 29 13.43 -2.58 7.43
N ALA B 30 13.28 -2.53 6.11
CA ALA B 30 12.57 -1.42 5.48
C ALA B 30 11.13 -1.35 6.00
N ALA B 31 10.50 -2.50 6.17
CA ALA B 31 9.12 -2.54 6.67
C ALA B 31 9.05 -1.94 8.08
N GLN B 32 10.05 -2.24 8.90
CA GLN B 32 10.09 -1.70 10.26
C GLN B 32 10.17 -0.17 10.26
N TYR B 33 10.95 0.38 9.34
CA TYR B 33 11.07 1.83 9.23
C TYR B 33 9.75 2.45 8.79
N ARG B 35 6.83 1.32 9.41
CA ARG B 35 5.93 1.25 10.54
C ARG B 35 6.24 2.39 11.51
N GLU B 36 7.53 2.54 11.82
CA GLU B 36 7.98 3.58 12.74
C GLU B 36 7.49 4.98 12.36
N HIS B 37 7.59 5.32 11.08
CA HIS B 37 7.17 6.63 10.63
C HIS B 37 5.79 6.67 9.98
N ASP B 38 5.11 5.53 9.98
CA ASP B 38 3.77 5.44 9.39
C ASP B 38 3.75 6.00 7.97
N ILE B 39 4.72 5.58 7.16
CA ILE B 39 4.81 6.03 5.78
C ILE B 39 4.83 4.82 4.85
N GLY B 40 4.51 5.04 3.58
CA GLY B 40 4.47 3.94 2.63
C GLY B 40 5.57 3.91 1.58
N ALA B 41 6.56 4.80 1.72
CA ALA B 41 7.66 4.85 0.78
C ALA B 41 8.90 5.37 1.50
N LEU B 42 10.04 4.80 1.15
CA LEU B 42 11.30 5.18 1.78
C LEU B 42 12.38 5.49 0.73
N PRO B 43 13.16 6.55 0.97
CA PRO B 43 14.22 6.88 0.01
C PRO B 43 15.37 5.92 0.33
N ILE B 44 15.98 5.34 -0.70
CA ILE B 44 17.07 4.40 -0.53
C ILE B 44 18.37 5.00 -1.08
N CYS B 45 19.44 4.93 -0.29
CA CYS B 45 20.72 5.48 -0.73
C CYS B 45 21.85 4.47 -0.68
N GLY B 46 22.85 4.68 -1.54
CA GLY B 46 23.99 3.79 -1.58
C GLY B 46 25.04 4.19 -0.57
N ASP B 47 26.13 3.43 -0.52
CA ASP B 47 27.20 3.72 0.42
C ASP B 47 27.85 5.06 0.12
N ASP B 48 27.61 5.55 -1.09
CA ASP B 48 28.14 6.83 -1.54
C ASP B 48 27.21 7.97 -1.13
N ASP B 49 26.15 7.62 -0.40
CA ASP B 49 25.15 8.58 0.06
C ASP B 49 24.26 9.12 -1.05
N ARG B 50 24.49 8.66 -2.27
CA ARG B 50 23.68 9.11 -3.39
C ARG B 50 22.35 8.37 -3.41
N LEU B 51 21.28 9.08 -3.80
CA LEU B 51 19.97 8.47 -3.88
C LEU B 51 19.96 7.39 -4.95
N HIS B 52 19.42 6.22 -4.62
CA HIS B 52 19.35 5.14 -5.59
C HIS B 52 17.91 4.92 -6.05
N GLY B 53 16.96 5.30 -5.22
CA GLY B 53 15.56 5.14 -5.60
C GLY B 53 14.61 5.19 -4.42
N LEU B 55 11.50 3.00 -2.32
CA LEU B 55 10.95 1.67 -2.10
C LEU B 55 9.60 1.89 -1.44
N THR B 56 8.54 1.31 -2.01
CA THR B 56 7.21 1.49 -1.43
C THR B 56 6.77 0.21 -0.71
N ASP B 57 5.74 0.35 0.12
CA ASP B 57 5.23 -0.81 0.83
C ASP B 57 4.72 -1.83 -0.19
N ARG B 58 4.03 -1.35 -1.22
CA ARG B 58 3.52 -2.27 -2.22
C ARG B 58 4.66 -2.98 -2.95
N ASP B 59 5.78 -2.29 -3.16
CA ASP B 59 6.93 -2.92 -3.81
C ASP B 59 7.39 -4.16 -3.05
N ILE B 60 7.42 -4.03 -1.72
CA ILE B 60 7.85 -5.13 -0.87
C ILE B 60 6.95 -6.35 -1.08
N VAL B 61 5.64 -6.09 -1.14
CA VAL B 61 4.66 -7.16 -1.32
C VAL B 61 4.68 -7.74 -2.73
N ILE B 62 4.62 -6.87 -3.73
CA ILE B 62 4.56 -7.30 -5.13
C ILE B 62 5.88 -7.70 -5.78
N LYS B 63 6.93 -6.89 -5.61
CA LYS B 63 8.22 -7.20 -6.21
C LYS B 63 9.07 -8.07 -5.29
N GLY B 64 8.64 -8.18 -4.04
CA GLY B 64 9.38 -8.98 -3.09
C GLY B 64 8.70 -10.31 -2.78
N LEU B 65 7.74 -10.29 -1.87
CA LEU B 65 7.04 -11.51 -1.47
C LEU B 65 6.39 -12.26 -2.63
N ALA B 66 5.67 -11.54 -3.48
CA ALA B 66 4.98 -12.18 -4.61
C ALA B 66 5.93 -12.70 -5.67
N ALA B 67 7.18 -12.25 -5.64
CA ALA B 67 8.19 -12.68 -6.61
C ALA B 67 9.09 -13.78 -6.06
N GLY B 68 8.69 -14.37 -4.93
CA GLY B 68 9.45 -15.45 -4.34
C GLY B 68 10.74 -15.07 -3.62
N LEU B 69 10.86 -13.81 -3.22
CA LEU B 69 12.04 -13.36 -2.51
C LEU B 69 11.85 -13.47 -1.00
N ASP B 70 12.95 -13.62 -0.28
CA ASP B 70 12.93 -13.72 1.18
C ASP B 70 13.11 -12.31 1.71
N PRO B 71 12.12 -11.77 2.45
CA PRO B 71 12.26 -10.41 2.97
C PRO B 71 13.48 -10.21 3.90
N ASN B 72 13.95 -11.28 4.51
CA ASN B 72 15.10 -11.20 5.40
C ASN B 72 16.43 -11.20 4.65
N THR B 73 16.40 -11.44 3.35
CA THR B 73 17.65 -11.44 2.58
C THR B 73 17.64 -10.48 1.40
N ALA B 74 16.50 -10.34 0.74
CA ALA B 74 16.40 -9.41 -0.38
C ALA B 74 16.59 -8.01 0.20
N THR B 75 17.22 -7.13 -0.56
CA THR B 75 17.51 -5.78 -0.09
C THR B 75 16.69 -4.66 -0.70
N ALA B 76 16.62 -3.54 0.03
CA ALA B 76 15.89 -2.36 -0.42
C ALA B 76 16.46 -1.89 -1.75
N GLY B 77 17.78 -1.87 -1.86
CA GLY B 77 18.42 -1.43 -3.07
C GLY B 77 18.08 -2.25 -4.30
N GLU B 78 17.95 -3.58 -4.15
CA GLU B 78 17.64 -4.39 -5.31
C GLU B 78 16.22 -4.15 -5.83
N LEU B 79 15.31 -3.75 -4.94
CA LEU B 79 13.94 -3.48 -5.38
C LEU B 79 13.72 -2.01 -5.76
N ALA B 80 14.54 -1.13 -5.22
CA ALA B 80 14.38 0.31 -5.49
C ALA B 80 15.14 0.79 -6.72
N ARG B 81 16.03 -0.05 -7.23
CA ARG B 81 16.86 0.28 -8.39
C ARG B 81 16.12 0.92 -9.57
N ASP B 82 14.97 0.37 -9.94
CA ASP B 82 14.23 0.90 -11.07
C ASP B 82 13.18 1.95 -10.74
N SER B 83 13.30 2.59 -9.59
CA SER B 83 12.34 3.61 -9.18
C SER B 83 13.09 4.87 -8.77
N ILE B 84 13.79 5.46 -9.73
CA ILE B 84 14.58 6.64 -9.50
C ILE B 84 13.95 7.90 -10.12
N TYR B 85 13.71 8.88 -9.26
CA TYR B 85 13.12 10.16 -9.63
C TYR B 85 13.30 11.07 -8.41
N TYR B 86 13.37 12.37 -8.66
CA TYR B 86 13.57 13.34 -7.59
C TYR B 86 13.46 14.75 -8.16
N VAL B 87 13.53 15.73 -7.26
CA VAL B 87 13.51 17.14 -7.66
C VAL B 87 14.63 17.81 -6.87
N ASP B 88 15.17 18.89 -7.41
CA ASP B 88 16.22 19.64 -6.73
C ASP B 88 15.52 20.48 -5.65
N ALA B 89 16.28 20.91 -4.64
CA ALA B 89 15.72 21.71 -3.57
C ALA B 89 15.10 23.02 -4.06
N ASN B 90 15.60 23.53 -5.19
CA ASN B 90 15.09 24.78 -5.74
C ASN B 90 14.00 24.57 -6.79
N ALA B 91 13.51 23.34 -6.90
CA ALA B 91 12.47 23.01 -7.87
C ALA B 91 11.15 23.71 -7.57
N SER B 92 10.41 24.07 -8.62
CA SER B 92 9.13 24.74 -8.47
C SER B 92 8.02 23.70 -8.25
N ILE B 93 6.83 24.18 -7.93
CA ILE B 93 5.69 23.30 -7.73
C ILE B 93 5.38 22.59 -9.03
N GLN B 94 5.48 23.32 -10.15
CA GLN B 94 5.22 22.74 -11.46
C GLN B 94 6.18 21.58 -11.74
N GLU B 95 7.44 21.75 -11.37
CA GLU B 95 8.45 20.72 -11.58
C GLU B 95 8.13 19.49 -10.73
N LEU B 97 5.24 18.61 -9.69
CA LEU B 97 4.06 17.99 -10.27
C LEU B 97 4.42 17.20 -11.52
N ASN B 98 5.37 17.70 -12.30
CA ASN B 98 5.80 17.01 -13.51
C ASN B 98 6.37 15.64 -13.15
N VAL B 99 7.20 15.61 -12.11
CA VAL B 99 7.80 14.34 -11.66
C VAL B 99 6.71 13.40 -11.14
N GLU B 101 3.47 13.38 -11.79
CA GLU B 101 2.56 12.94 -12.85
C GLU B 101 3.21 11.90 -13.75
N GLU B 102 4.40 12.22 -14.25
CA GLU B 102 5.13 11.33 -15.14
C GLU B 102 5.54 10.00 -14.54
N HIS B 103 5.87 9.97 -13.25
CA HIS B 103 6.27 8.73 -12.60
C HIS B 103 5.11 8.09 -11.85
N GLN B 104 4.00 8.82 -11.76
CA GLN B 104 2.81 8.33 -11.08
C GLN B 104 3.06 8.04 -9.61
N VAL B 105 3.57 9.03 -8.89
CA VAL B 105 3.86 8.89 -7.46
C VAL B 105 3.37 10.12 -6.69
N ARG B 106 3.23 9.97 -5.38
CA ARG B 106 2.78 11.06 -4.53
C ARG B 106 3.86 11.54 -3.55
N ARG B 107 4.97 10.81 -3.51
CA ARG B 107 6.09 11.17 -2.62
C ARG B 107 7.35 11.22 -3.48
N VAL B 108 8.07 12.35 -3.42
CA VAL B 108 9.26 12.53 -4.21
C VAL B 108 10.45 13.01 -3.39
N PRO B 109 11.60 12.33 -3.53
CA PRO B 109 12.77 12.78 -2.77
C PRO B 109 13.33 14.09 -3.28
N VAL B 110 13.88 14.90 -2.39
CA VAL B 110 14.46 16.18 -2.75
C VAL B 110 15.98 16.11 -2.58
N ILE B 111 16.70 16.54 -3.60
CA ILE B 111 18.16 16.50 -3.60
C ILE B 111 18.81 17.88 -3.63
N SER B 112 19.98 17.99 -3.02
CA SER B 112 20.74 19.23 -3.01
C SER B 112 22.21 18.83 -2.86
N GLU B 113 23.03 19.24 -3.81
CA GLU B 113 24.45 18.92 -3.79
C GLU B 113 24.63 17.40 -3.78
N HIS B 114 23.78 16.71 -4.54
CA HIS B 114 23.82 15.25 -4.66
C HIS B 114 23.47 14.49 -3.37
N ARG B 115 22.80 15.16 -2.45
CA ARG B 115 22.41 14.54 -1.19
C ARG B 115 20.92 14.67 -0.94
N LEU B 116 20.34 13.65 -0.30
CA LEU B 116 18.92 13.67 0.02
C LEU B 116 18.74 14.69 1.14
N VAL B 117 17.93 15.71 0.91
CA VAL B 117 17.72 16.72 1.94
C VAL B 117 16.30 16.68 2.50
N GLY B 118 15.43 15.92 1.84
CA GLY B 118 14.06 15.79 2.32
C GLY B 118 13.17 15.02 1.37
N ILE B 119 11.89 14.96 1.72
CA ILE B 119 10.88 14.28 0.92
C ILE B 119 9.69 15.23 0.83
N VAL B 120 9.14 15.39 -0.36
CA VAL B 120 7.98 16.26 -0.54
C VAL B 120 6.81 15.39 -0.97
N THR B 121 5.63 15.67 -0.43
CA THR B 121 4.45 14.89 -0.77
C THR B 121 3.40 15.75 -1.44
N GLU B 122 2.48 15.10 -2.14
CA GLU B 122 1.40 15.79 -2.84
C GLU B 122 0.60 16.58 -1.82
N ALA B 123 0.47 16.02 -0.61
CA ALA B 123 -0.26 16.66 0.47
C ALA B 123 0.44 17.94 0.90
N ASP B 124 1.77 17.91 0.91
CA ASP B 124 2.54 19.09 1.29
C ASP B 124 2.19 20.20 0.31
N ILE B 125 2.15 19.85 -0.97
CA ILE B 125 1.83 20.82 -2.01
C ILE B 125 0.43 21.38 -1.82
N ALA B 126 -0.55 20.48 -1.69
CA ALA B 126 -1.94 20.90 -1.51
C ALA B 126 -2.12 21.78 -0.28
N ARG B 127 -1.50 21.37 0.82
CA ARG B 127 -1.61 22.11 2.08
C ARG B 127 -1.00 23.50 1.97
N HIS B 128 0.18 23.59 1.39
CA HIS B 128 0.87 24.87 1.26
C HIS B 128 0.59 25.59 -0.05
N LEU B 129 -0.46 25.18 -0.74
CA LEU B 129 -0.83 25.81 -2.00
C LEU B 129 -1.83 26.93 -1.71
#